data_7MG5
#
_entry.id   7MG5
#
_cell.length_a   65.689
_cell.length_b   70.700
_cell.length_c   125.870
_cell.angle_alpha   90.00
_cell.angle_beta   90.00
_cell.angle_gamma   90.00
#
_symmetry.space_group_name_H-M   'P 21 2 21'
#
loop_
_entity.id
_entity.type
_entity.pdbx_description
1 polymer Concanavalin-A
2 polymer "DNA (5'-D(P*AP*TP*AP*T)-3')"
3 non-polymer 'MANGANESE (II) ION'
4 non-polymer 'CALCIUM ION'
5 non-polymer alpha-D-mannopyranose
6 non-polymer 3-{[2-(2-hydroxyethoxy)ethyl]amino}-4-[(6-hydroxyhexyl)amino]cyclobut-3-ene-1,2-dione
7 water water
#
loop_
_entity_poly.entity_id
_entity_poly.type
_entity_poly.pdbx_seq_one_letter_code
_entity_poly.pdbx_strand_id
1 'polypeptide(L)'
;ADTIVAVELDTYPNTDIGDPSYPHIGIDIKSVRSKKTAKWNMQNGKVGTAHIIYNSVDKRLSAVVSYPNADSATVSYDVD
LDNVLPEWVRVGLSASTGLYKETNTILSWSFTSKLKSNSTHETNALHFMFNQFSKDQKDLILQGDATTGTDGNLELTRVS
SNGSPQGSSVGRALFYAPVHIWESSAVVASFEATFTFLIKSPDSHPADGIAFFISNIDSSIPSGSTGRLLGLFPDAN
;
A,B
2 'polydeoxyribonucleotide' (DA)(DT)(DA)(DT) C,D
#
loop_
_chem_comp.id
_chem_comp.type
_chem_comp.name
_chem_comp.formula
CA non-polymer 'CALCIUM ION' 'Ca 2'
DA DNA linking 2'-DEOXYADENOSINE-5'-MONOPHOSPHATE 'C10 H14 N5 O6 P'
DT DNA linking THYMIDINE-5'-MONOPHOSPHATE 'C10 H15 N2 O8 P'
MAN D-saccharide, alpha linking alpha-D-mannopyranose 'C6 H12 O6'
MN non-polymer 'MANGANESE (II) ION' 'Mn 2'
SQ0 non-polymer 3-{[2-(2-hydroxyethoxy)ethyl]amino}-4-[(6-hydroxyhexyl)amino]cyclobut-3-ene-1,2-dione 'C14 H24 N2 O5'
#
# COMPACT_ATOMS: atom_id res chain seq x y z
N ALA A 1 -7.48 20.75 -13.98
CA ALA A 1 -7.74 20.49 -12.55
C ALA A 1 -7.78 18.98 -12.30
N ASP A 2 -7.71 18.59 -11.04
CA ASP A 2 -7.84 17.20 -10.55
C ASP A 2 -9.23 16.64 -10.93
N THR A 3 -9.36 15.31 -10.92
CA THR A 3 -10.67 14.60 -10.91
C THR A 3 -10.96 14.13 -9.48
N ILE A 4 -12.10 14.53 -8.94
CA ILE A 4 -12.52 14.20 -7.55
C ILE A 4 -13.84 13.44 -7.54
N VAL A 5 -13.84 12.30 -6.84
CA VAL A 5 -15.07 11.68 -6.29
C VAL A 5 -14.95 11.68 -4.77
N ALA A 6 -15.98 12.13 -4.05
CA ALA A 6 -15.88 12.25 -2.58
C ALA A 6 -17.21 11.97 -1.91
N VAL A 7 -17.10 11.58 -0.67
CA VAL A 7 -18.21 11.54 0.31
C VAL A 7 -17.92 12.64 1.32
N GLU A 8 -18.78 13.67 1.37
CA GLU A 8 -18.55 14.81 2.30
C GLU A 8 -19.40 14.60 3.55
N LEU A 9 -18.78 14.80 4.72
CA LEU A 9 -19.48 15.08 5.98
C LEU A 9 -19.47 16.62 6.14
N ASP A 10 -20.50 17.29 5.64
CA ASP A 10 -20.58 18.76 5.51
C ASP A 10 -21.27 19.32 6.76
N THR A 11 -20.49 19.93 7.67
CA THR A 11 -20.98 20.48 8.95
C THR A 11 -21.62 21.86 8.77
N TYR A 12 -21.39 22.56 7.66
CA TYR A 12 -21.77 23.99 7.52
C TYR A 12 -22.53 24.22 6.23
N PRO A 13 -23.81 24.65 6.33
CA PRO A 13 -24.62 24.91 5.15
C PRO A 13 -24.17 26.18 4.43
N ASN A 14 -23.78 26.01 3.18
CA ASN A 14 -23.44 27.10 2.24
C ASN A 14 -24.58 27.13 1.24
N THR A 15 -25.74 27.68 1.63
CA THR A 15 -27.00 27.69 0.82
C THR A 15 -26.72 28.42 -0.48
N ASP A 16 -25.86 29.42 -0.43
CA ASP A 16 -25.28 30.18 -1.56
C ASP A 16 -24.83 29.23 -2.68
N ILE A 17 -24.26 28.05 -2.36
CA ILE A 17 -23.71 27.08 -3.37
C ILE A 17 -24.47 25.75 -3.36
N GLY A 18 -25.68 25.71 -2.83
CA GLY A 18 -26.63 24.60 -3.07
C GLY A 18 -26.65 23.57 -1.95
N ASP A 19 -25.87 23.75 -0.89
CA ASP A 19 -26.03 22.95 0.35
C ASP A 19 -27.45 23.11 0.87
N PRO A 20 -28.05 22.06 1.47
CA PRO A 20 -29.32 22.21 2.17
C PRO A 20 -29.07 23.06 3.42
N SER A 21 -30.12 23.47 4.13
CA SER A 21 -30.03 24.45 5.23
C SER A 21 -29.58 23.76 6.52
N TYR A 22 -29.00 22.56 6.45
CA TYR A 22 -28.64 21.76 7.64
C TYR A 22 -27.36 20.97 7.37
N PRO A 23 -26.63 20.59 8.43
CA PRO A 23 -25.49 19.70 8.29
C PRO A 23 -25.94 18.41 7.58
N HIS A 24 -25.13 17.93 6.65
CA HIS A 24 -25.54 16.89 5.67
C HIS A 24 -24.32 16.05 5.31
N ILE A 25 -24.58 14.85 4.82
CA ILE A 25 -23.57 14.04 4.09
C ILE A 25 -23.97 14.10 2.63
N GLY A 26 -23.00 13.98 1.73
CA GLY A 26 -23.31 14.02 0.30
C GLY A 26 -22.30 13.25 -0.51
N ILE A 27 -22.71 12.93 -1.73
CA ILE A 27 -21.86 12.29 -2.75
C ILE A 27 -21.52 13.39 -3.76
N ASP A 28 -20.22 13.65 -3.89
CA ASP A 28 -19.65 14.70 -4.77
C ASP A 28 -18.95 14.01 -5.93
N ILE A 29 -19.45 14.23 -7.15
CA ILE A 29 -18.84 13.71 -8.41
C ILE A 29 -18.40 14.91 -9.25
N LYS A 30 -17.11 15.26 -9.16
CA LYS A 30 -16.45 16.32 -9.93
C LYS A 30 -17.06 17.70 -9.62
N SER A 31 -17.74 17.88 -8.48
CA SER A 31 -18.29 19.19 -8.03
C SER A 31 -18.57 19.16 -6.54
N VAL A 32 -18.39 20.29 -5.87
CA VAL A 32 -18.71 20.42 -4.42
C VAL A 32 -20.24 20.42 -4.24
N ARG A 33 -20.99 20.61 -5.32
CA ARG A 33 -22.47 20.59 -5.30
C ARG A 33 -22.92 19.13 -5.41
N SER A 34 -23.20 18.50 -4.26
CA SER A 34 -23.45 17.05 -4.08
C SER A 34 -24.55 16.60 -5.03
N LYS A 35 -24.37 15.46 -5.67
CA LYS A 35 -25.37 14.86 -6.58
C LYS A 35 -26.50 14.30 -5.71
N LYS A 36 -26.23 14.00 -4.44
CA LYS A 36 -27.21 13.49 -3.46
C LYS A 36 -26.71 13.86 -2.06
N THR A 37 -27.63 14.24 -1.18
CA THR A 37 -27.34 14.60 0.22
C THR A 37 -28.37 13.89 1.09
N ALA A 38 -28.04 13.68 2.36
CA ALA A 38 -28.98 13.28 3.42
C ALA A 38 -28.68 14.16 4.62
N LYS A 39 -29.70 14.48 5.42
CA LYS A 39 -29.56 15.25 6.68
C LYS A 39 -28.68 14.44 7.62
N TRP A 40 -27.84 15.14 8.37
CA TRP A 40 -26.86 14.55 9.29
C TRP A 40 -26.89 15.32 10.60
N ASN A 41 -27.23 14.65 11.69
CA ASN A 41 -27.16 15.19 13.08
C ASN A 41 -25.74 14.99 13.61
N MET A 42 -24.80 15.83 13.18
CA MET A 42 -23.39 15.85 13.65
C MET A 42 -23.41 16.09 15.16
N GLN A 43 -22.69 15.28 15.95
CA GLN A 43 -22.71 15.39 17.43
C GLN A 43 -21.37 15.99 17.89
N ASN A 44 -21.40 17.29 18.20
CA ASN A 44 -20.22 18.09 18.58
C ASN A 44 -19.45 17.35 19.67
N GLY A 45 -18.18 17.04 19.44
CA GLY A 45 -17.32 16.43 20.48
C GLY A 45 -17.48 14.92 20.60
N LYS A 46 -18.31 14.24 19.78
CA LYS A 46 -18.44 12.76 19.87
C LYS A 46 -17.63 12.09 18.74
N VAL A 47 -17.16 10.87 18.99
CA VAL A 47 -16.48 10.07 17.95
C VAL A 47 -17.53 9.40 17.07
N GLY A 48 -17.52 9.72 15.78
CA GLY A 48 -18.39 9.14 14.75
C GLY A 48 -17.63 8.15 13.87
N THR A 49 -18.37 7.40 13.04
CA THR A 49 -17.85 6.38 12.10
C THR A 49 -18.50 6.61 10.73
N ALA A 50 -17.70 6.77 9.69
CA ALA A 50 -18.15 6.82 8.28
C ALA A 50 -17.78 5.49 7.61
N HIS A 51 -18.74 4.87 6.93
CA HIS A 51 -18.60 3.64 6.12
C HIS A 51 -18.93 3.99 4.67
N ILE A 52 -18.05 3.72 3.73
CA ILE A 52 -18.23 4.03 2.29
C ILE A 52 -18.04 2.73 1.51
N ILE A 53 -18.91 2.44 0.54
CA ILE A 53 -18.89 1.16 -0.21
C ILE A 53 -19.27 1.42 -1.66
N TYR A 54 -18.64 0.66 -2.54
CA TYR A 54 -18.91 0.66 -3.99
C TYR A 54 -18.53 -0.70 -4.55
N ASN A 55 -19.29 -1.18 -5.52
CA ASN A 55 -18.87 -2.35 -6.34
C ASN A 55 -19.32 -2.11 -7.78
N SER A 56 -18.60 -2.73 -8.72
CA SER A 56 -18.77 -2.58 -10.18
C SER A 56 -20.03 -3.32 -10.65
N VAL A 57 -20.67 -4.12 -9.80
CA VAL A 57 -21.92 -4.85 -10.16
C VAL A 57 -23.09 -3.88 -10.02
N ASP A 58 -23.30 -3.32 -8.83
CA ASP A 58 -24.43 -2.39 -8.58
C ASP A 58 -24.06 -0.98 -9.09
N LYS A 59 -22.79 -0.60 -9.09
CA LYS A 59 -22.32 0.75 -9.52
C LYS A 59 -23.07 1.82 -8.72
N ARG A 60 -23.10 1.63 -7.40
CA ARG A 60 -23.81 2.53 -6.47
C ARG A 60 -22.81 2.93 -5.38
N LEU A 61 -22.42 4.20 -5.31
CA LEU A 61 -21.58 4.71 -4.20
C LEU A 61 -22.49 5.02 -3.02
N SER A 62 -22.28 4.36 -1.88
CA SER A 62 -23.10 4.51 -0.67
C SER A 62 -22.20 4.87 0.51
N ALA A 63 -22.76 5.59 1.46
CA ALA A 63 -22.09 5.95 2.71
C ALA A 63 -23.11 5.90 3.83
N VAL A 64 -22.67 5.46 4.99
CA VAL A 64 -23.42 5.52 6.27
C VAL A 64 -22.52 6.24 7.27
N VAL A 65 -23.06 7.20 8.00
CA VAL A 65 -22.34 7.90 9.10
C VAL A 65 -23.15 7.72 10.38
N SER A 66 -22.50 7.35 11.48
CA SER A 66 -23.18 7.02 12.75
C SER A 66 -22.38 7.47 13.96
N TYR A 67 -23.10 7.61 15.07
CA TYR A 67 -22.55 7.77 16.43
C TYR A 67 -23.15 6.66 17.27
N PRO A 68 -22.49 6.16 18.34
CA PRO A 68 -23.14 5.22 19.26
C PRO A 68 -24.48 5.78 19.77
N ASN A 69 -25.49 4.92 19.91
CA ASN A 69 -26.79 5.32 20.55
C ASN A 69 -27.45 6.45 19.77
N ALA A 70 -27.52 6.34 18.44
CA ALA A 70 -28.22 7.28 17.55
C ALA A 70 -28.48 6.62 16.21
N ASP A 71 -29.47 7.14 15.48
CA ASP A 71 -29.85 6.74 14.10
C ASP A 71 -28.73 7.15 13.15
N SER A 72 -28.48 6.32 12.13
CA SER A 72 -27.45 6.58 11.10
C SER A 72 -28.00 7.60 10.12
N ALA A 73 -27.13 8.33 9.42
CA ALA A 73 -27.48 9.00 8.15
C ALA A 73 -26.85 8.19 7.02
N THR A 74 -27.56 8.03 5.91
CA THR A 74 -27.09 7.21 4.78
C THR A 74 -27.38 7.97 3.49
N VAL A 75 -26.50 7.84 2.48
CA VAL A 75 -26.69 8.50 1.16
C VAL A 75 -26.12 7.56 0.10
N SER A 76 -26.77 7.50 -1.07
CA SER A 76 -26.38 6.60 -2.18
C SER A 76 -26.60 7.32 -3.48
N TYR A 77 -25.76 7.04 -4.47
CA TYR A 77 -25.89 7.66 -5.80
C TYR A 77 -25.41 6.61 -6.81
N ASP A 78 -26.23 6.36 -7.83
CA ASP A 78 -25.86 5.46 -8.95
C ASP A 78 -24.91 6.26 -9.81
N VAL A 79 -23.71 5.72 -10.00
CA VAL A 79 -22.63 6.34 -10.81
C VAL A 79 -21.69 5.19 -11.21
N ASP A 80 -21.33 5.15 -12.49
CA ASP A 80 -20.29 4.23 -13.02
C ASP A 80 -18.94 4.94 -12.89
N LEU A 81 -18.16 4.59 -11.87
CA LEU A 81 -16.87 5.29 -11.59
C LEU A 81 -15.85 4.98 -12.68
N ASP A 82 -16.03 3.90 -13.45
CA ASP A 82 -15.20 3.62 -14.66
C ASP A 82 -15.24 4.79 -15.65
N ASN A 83 -16.33 5.55 -15.68
CA ASN A 83 -16.58 6.66 -16.63
C ASN A 83 -16.17 8.00 -16.00
N VAL A 84 -15.72 8.00 -14.75
CA VAL A 84 -15.42 9.24 -13.99
C VAL A 84 -13.94 9.27 -13.63
N LEU A 85 -13.44 8.24 -12.95
CA LEU A 85 -12.07 8.21 -12.40
C LEU A 85 -11.10 7.59 -13.40
N PRO A 86 -9.81 7.97 -13.34
CA PRO A 86 -8.78 7.24 -14.07
C PRO A 86 -8.63 5.87 -13.40
N GLU A 87 -8.02 4.96 -14.14
CA GLU A 87 -7.87 3.54 -13.78
C GLU A 87 -7.11 3.44 -12.47
N TRP A 88 -6.03 4.23 -12.36
CA TRP A 88 -5.19 4.34 -11.15
C TRP A 88 -5.49 5.65 -10.41
N VAL A 89 -5.67 5.58 -9.09
CA VAL A 89 -6.09 6.73 -8.24
C VAL A 89 -5.23 6.77 -6.98
N ARG A 90 -5.36 7.86 -6.22
CA ARG A 90 -4.99 7.84 -4.80
C ARG A 90 -6.27 8.02 -4.01
N VAL A 91 -6.29 7.48 -2.81
CA VAL A 91 -7.43 7.67 -1.89
C VAL A 91 -6.94 8.49 -0.71
N GLY A 92 -7.83 9.28 -0.13
CA GLY A 92 -7.44 10.26 0.89
C GLY A 92 -8.59 10.71 1.76
N LEU A 93 -8.23 11.39 2.83
CA LEU A 93 -9.15 12.18 3.68
C LEU A 93 -8.76 13.66 3.52
N SER A 94 -9.76 14.52 3.53
CA SER A 94 -9.61 15.99 3.36
C SER A 94 -10.50 16.70 4.38
N ALA A 95 -10.09 17.86 4.91
CA ALA A 95 -10.95 18.65 5.80
C ALA A 95 -10.63 20.14 5.62
N SER A 96 -11.56 21.02 5.99
CA SER A 96 -11.31 22.47 5.97
C SER A 96 -12.11 23.19 7.06
N THR A 97 -11.65 24.40 7.34
CA THR A 97 -12.33 25.42 8.16
C THR A 97 -12.28 26.74 7.37
N GLY A 98 -13.15 27.70 7.73
CA GLY A 98 -13.22 29.02 7.08
C GLY A 98 -13.28 30.12 8.15
N LEU A 99 -14.30 30.95 8.08
CA LEU A 99 -14.63 31.94 9.16
C LEU A 99 -15.02 31.14 10.40
N TYR A 100 -15.70 29.99 10.22
CA TYR A 100 -16.03 29.05 11.32
C TYR A 100 -15.08 27.85 11.28
N LYS A 101 -15.01 27.14 12.39
CA LYS A 101 -13.95 26.13 12.62
C LYS A 101 -14.47 25.00 13.50
N GLU A 102 -13.63 23.95 13.56
CA GLU A 102 -13.87 22.63 14.18
C GLU A 102 -12.54 21.87 14.12
N THR A 103 -12.27 21.02 15.10
CA THR A 103 -11.26 19.95 14.98
C THR A 103 -11.73 19.00 13.87
N ASN A 104 -10.81 18.58 12.99
CA ASN A 104 -11.09 17.57 11.96
C ASN A 104 -10.15 16.41 12.24
N THR A 105 -10.36 15.80 13.41
CA THR A 105 -9.52 14.76 13.99
C THR A 105 -9.94 13.40 13.43
N ILE A 106 -8.99 12.64 12.88
CA ILE A 106 -9.21 11.26 12.39
C ILE A 106 -8.51 10.31 13.37
N LEU A 107 -9.25 9.35 13.92
CA LEU A 107 -8.74 8.43 14.97
C LEU A 107 -8.30 7.11 14.32
N SER A 108 -8.94 6.76 13.21
CA SER A 108 -8.68 5.51 12.46
C SER A 108 -9.17 5.67 11.02
N TRP A 109 -8.51 4.97 10.12
CA TRP A 109 -8.90 4.93 8.69
C TRP A 109 -8.52 3.56 8.15
N SER A 110 -9.45 2.89 7.51
CA SER A 110 -9.13 1.65 6.77
C SER A 110 -9.75 1.72 5.37
N PHE A 111 -9.20 0.91 4.47
CA PHE A 111 -9.52 0.92 3.05
C PHE A 111 -9.20 -0.47 2.50
N THR A 112 -10.10 -0.98 1.66
CA THR A 112 -9.87 -2.24 0.90
C THR A 112 -10.36 -2.04 -0.53
N SER A 113 -9.58 -2.50 -1.50
CA SER A 113 -9.91 -2.50 -2.93
C SER A 113 -9.55 -3.87 -3.50
N LYS A 114 -10.41 -4.42 -4.36
CA LYS A 114 -10.30 -5.79 -4.91
C LYS A 114 -10.72 -5.75 -6.38
N LEU A 115 -9.90 -6.34 -7.24
CA LEU A 115 -10.22 -6.57 -8.67
C LEU A 115 -10.22 -8.08 -8.87
N LYS A 116 -11.40 -8.67 -9.06
CA LYS A 116 -11.59 -10.12 -9.37
C LYS A 116 -11.67 -10.23 -10.89
N SER A 117 -10.60 -10.72 -11.51
CA SER A 117 -10.39 -10.80 -12.99
C SER A 117 -11.02 -12.09 -13.58
N GLU A 122 -7.37 -15.35 -9.39
CA GLU A 122 -6.89 -14.17 -10.16
C GLU A 122 -7.39 -12.85 -9.54
N THR A 123 -7.54 -12.78 -8.22
CA THR A 123 -7.94 -11.52 -7.50
C THR A 123 -6.68 -10.76 -7.10
N ASN A 124 -6.65 -9.47 -7.43
CA ASN A 124 -5.70 -8.46 -6.87
C ASN A 124 -6.40 -7.74 -5.74
N ALA A 125 -5.70 -7.52 -4.62
CA ALA A 125 -6.26 -6.85 -3.43
C ALA A 125 -5.25 -5.88 -2.81
N LEU A 126 -5.79 -4.81 -2.24
CA LEU A 126 -5.04 -3.84 -1.41
C LEU A 126 -5.85 -3.57 -0.16
N HIS A 127 -5.21 -3.67 1.00
CA HIS A 127 -5.91 -3.32 2.26
C HIS A 127 -4.91 -2.59 3.15
N PHE A 128 -5.31 -1.44 3.71
CA PHE A 128 -4.55 -0.82 4.82
C PHE A 128 -5.48 -0.53 6.00
N MET A 129 -4.91 -0.57 7.19
CA MET A 129 -5.66 -0.13 8.39
C MET A 129 -4.75 0.70 9.27
N PHE A 130 -5.16 1.95 9.55
CA PHE A 130 -4.53 2.80 10.61
C PHE A 130 -5.48 2.94 11.79
N ASN A 131 -5.13 2.32 12.93
CA ASN A 131 -5.80 2.57 14.25
C ASN A 131 -4.92 3.53 15.08
N GLN A 132 -3.65 3.68 14.75
CA GLN A 132 -2.76 4.71 15.36
C GLN A 132 -2.00 5.39 14.23
N PHE A 133 -1.95 6.71 14.25
CA PHE A 133 -1.08 7.52 13.36
C PHE A 133 0.16 7.91 14.14
N SER A 134 1.33 7.83 13.52
CA SER A 134 2.62 8.19 14.16
C SER A 134 3.15 9.48 13.53
N LYS A 135 4.12 10.10 14.20
CA LYS A 135 4.72 11.41 13.86
C LYS A 135 5.31 11.41 12.45
N ASP A 136 5.96 10.32 12.04
CA ASP A 136 6.65 10.31 10.73
C ASP A 136 6.08 9.14 9.91
N GLN A 137 4.82 9.28 9.51
CA GLN A 137 4.03 8.19 8.91
C GLN A 137 4.30 8.13 7.41
N LYS A 138 5.27 7.33 7.02
CA LYS A 138 5.83 7.37 5.63
C LYS A 138 4.89 6.72 4.58
N ASP A 139 3.86 5.99 4.97
CA ASP A 139 2.83 5.48 4.01
C ASP A 139 1.66 6.49 3.86
N LEU A 140 1.78 7.69 4.44
CA LEU A 140 0.83 8.80 4.21
C LEU A 140 1.54 9.98 3.55
N ILE A 141 0.85 10.61 2.60
CA ILE A 141 1.23 11.91 2.01
C ILE A 141 0.36 12.98 2.67
N LEU A 142 0.96 13.83 3.49
CA LEU A 142 0.22 14.93 4.17
C LEU A 142 0.34 16.16 3.28
N GLN A 143 -0.77 16.84 3.08
CA GLN A 143 -0.86 18.06 2.24
C GLN A 143 -1.43 19.19 3.09
N GLY A 144 -0.99 20.42 2.85
CA GLY A 144 -1.55 21.61 3.53
C GLY A 144 -1.31 21.51 5.02
N ASP A 145 -2.33 21.69 5.83
CA ASP A 145 -2.16 21.82 7.30
C ASP A 145 -2.16 20.47 8.01
N ALA A 146 -2.34 19.34 7.31
CA ALA A 146 -2.48 18.00 7.95
C ALA A 146 -1.22 17.64 8.76
N THR A 147 -1.41 17.11 9.97
CA THR A 147 -0.31 16.56 10.82
C THR A 147 -0.75 15.23 11.43
N THR A 148 0.21 14.37 11.78
CA THR A 148 0.01 13.08 12.50
C THR A 148 0.84 13.09 13.78
N GLY A 149 0.47 12.26 14.76
CA GLY A 149 1.30 11.92 15.93
C GLY A 149 0.75 12.51 17.23
N THR A 150 -0.03 13.60 17.12
CA THR A 150 -0.76 14.27 18.24
C THR A 150 -1.80 13.29 18.80
N ASP A 151 -1.47 12.61 19.90
CA ASP A 151 -2.37 11.64 20.56
C ASP A 151 -2.57 10.40 19.65
N GLY A 152 -1.66 10.10 18.72
CA GLY A 152 -1.80 8.98 17.76
C GLY A 152 -2.93 9.24 16.75
N ASN A 153 -3.30 10.50 16.56
CA ASN A 153 -4.40 10.91 15.66
C ASN A 153 -3.85 11.66 14.45
N LEU A 154 -4.66 11.77 13.41
CA LEU A 154 -4.38 12.58 12.19
C LEU A 154 -5.27 13.84 12.30
N GLU A 155 -4.67 15.02 12.47
CA GLU A 155 -5.41 16.31 12.54
C GLU A 155 -5.41 16.91 11.13
N LEU A 156 -6.53 16.78 10.42
CA LEU A 156 -6.55 17.22 9.00
C LEU A 156 -6.33 18.73 8.93
N THR A 157 -6.82 19.49 9.92
CA THR A 157 -6.72 20.96 9.94
C THR A 157 -6.00 21.45 11.20
N ARG A 158 -5.46 22.67 11.10
CA ARG A 158 -4.56 23.24 12.12
C ARG A 158 -5.30 23.33 13.46
N VAL A 159 -4.65 22.83 14.50
CA VAL A 159 -5.14 22.96 15.91
C VAL A 159 -4.02 23.64 16.69
N SER A 160 -4.34 24.69 17.46
CA SER A 160 -3.36 25.49 18.25
C SER A 160 -2.75 24.65 19.37
N SER A 161 -1.65 25.12 19.98
CA SER A 161 -0.93 24.53 21.14
C SER A 161 -1.91 24.23 22.31
N ASN A 162 -2.90 25.09 22.56
CA ASN A 162 -3.91 24.92 23.63
C ASN A 162 -5.09 24.05 23.16
N GLY A 163 -5.02 23.45 21.96
CA GLY A 163 -6.04 22.50 21.44
C GLY A 163 -7.22 23.20 20.77
N SER A 164 -7.10 24.49 20.45
CA SER A 164 -8.15 25.27 19.75
C SER A 164 -8.03 25.05 18.24
N PRO A 165 -9.09 24.61 17.54
CA PRO A 165 -9.06 24.57 16.07
C PRO A 165 -8.92 26.00 15.50
N GLN A 166 -8.22 26.15 14.37
CA GLN A 166 -8.00 27.45 13.70
C GLN A 166 -8.90 27.53 12.47
N GLY A 167 -9.28 28.78 12.14
CA GLY A 167 -10.02 29.18 10.93
C GLY A 167 -9.15 29.13 9.70
N SER A 168 -9.77 29.22 8.53
CA SER A 168 -9.08 29.25 7.21
C SER A 168 -7.94 28.23 7.18
N SER A 169 -8.23 26.98 7.51
CA SER A 169 -7.26 25.85 7.45
C SER A 169 -7.78 24.78 6.48
N VAL A 170 -6.88 24.04 5.86
CA VAL A 170 -7.20 22.97 4.89
C VAL A 170 -6.04 21.99 4.92
N GLY A 171 -6.34 20.71 4.85
CA GLY A 171 -5.34 19.66 5.02
C GLY A 171 -5.88 18.33 4.54
N ARG A 172 -5.00 17.48 4.02
CA ARG A 172 -5.38 16.17 3.43
C ARG A 172 -4.30 15.15 3.77
N ALA A 173 -4.67 13.88 3.77
CA ALA A 173 -3.79 12.71 3.94
C ALA A 173 -4.15 11.74 2.84
N LEU A 174 -3.20 11.35 2.02
CA LEU A 174 -3.42 10.35 0.96
C LEU A 174 -2.56 9.15 1.28
N PHE A 175 -3.06 7.96 0.97
CA PHE A 175 -2.27 6.73 1.10
C PHE A 175 -1.19 6.79 0.01
N TYR A 176 0.03 6.36 0.37
CA TYR A 176 1.24 6.57 -0.48
C TYR A 176 1.09 5.79 -1.79
N ALA A 177 0.59 4.55 -1.77
CA ALA A 177 0.54 3.71 -2.99
C ALA A 177 -0.67 4.11 -3.82
N PRO A 178 -0.49 4.29 -5.15
CA PRO A 178 -1.61 4.33 -6.09
C PRO A 178 -2.45 3.05 -6.01
N VAL A 179 -3.74 3.21 -6.28
CA VAL A 179 -4.79 2.16 -6.16
C VAL A 179 -5.37 1.93 -7.55
N HIS A 180 -5.41 0.65 -7.95
CA HIS A 180 -6.07 0.20 -9.20
C HIS A 180 -7.59 0.12 -8.96
N ILE A 181 -8.32 1.19 -9.27
CA ILE A 181 -9.71 1.34 -8.78
C ILE A 181 -10.69 0.61 -9.70
N TRP A 182 -10.35 0.50 -10.98
CA TRP A 182 -11.13 -0.25 -12.01
C TRP A 182 -10.19 -0.81 -13.07
N GLU A 183 -10.62 -1.87 -13.76
CA GLU A 183 -9.85 -2.54 -14.83
C GLU A 183 -10.85 -3.16 -15.80
N SER A 184 -10.70 -2.94 -17.11
CA SER A 184 -11.60 -3.40 -18.20
C SER A 184 -11.96 -4.89 -18.03
N SER A 185 -10.97 -5.76 -17.77
CA SER A 185 -11.13 -7.23 -17.69
C SER A 185 -11.61 -7.69 -16.31
N ALA A 186 -11.79 -6.81 -15.31
CA ALA A 186 -12.28 -7.23 -13.98
C ALA A 186 -13.76 -7.59 -14.11
N VAL A 187 -14.20 -8.72 -13.53
CA VAL A 187 -15.62 -9.14 -13.53
C VAL A 187 -16.25 -8.54 -12.28
N VAL A 188 -15.46 -8.37 -11.22
CA VAL A 188 -15.93 -7.66 -10.01
C VAL A 188 -14.78 -6.80 -9.49
N ALA A 189 -15.06 -5.50 -9.37
CA ALA A 189 -14.20 -4.50 -8.71
C ALA A 189 -15.03 -3.95 -7.54
N SER A 190 -14.42 -3.85 -6.36
CA SER A 190 -15.09 -3.32 -5.16
C SER A 190 -14.09 -2.52 -4.33
N PHE A 191 -14.60 -1.56 -3.58
CA PHE A 191 -13.80 -0.86 -2.53
C PHE A 191 -14.74 -0.53 -1.37
N GLU A 192 -14.14 -0.37 -0.22
CA GLU A 192 -14.79 0.13 1.00
C GLU A 192 -13.76 0.95 1.76
N ALA A 193 -14.21 1.99 2.43
CA ALA A 193 -13.41 2.78 3.36
C ALA A 193 -14.20 2.93 4.64
N THR A 194 -13.50 2.98 5.76
CA THR A 194 -14.07 3.25 7.09
C THR A 194 -13.15 4.28 7.74
N PHE A 195 -13.67 5.33 8.34
CA PHE A 195 -12.85 6.14 9.26
C PHE A 195 -13.70 6.53 10.45
N THR A 196 -13.02 6.72 11.58
CA THR A 196 -13.59 7.34 12.79
C THR A 196 -13.00 8.75 12.92
N PHE A 197 -13.80 9.67 13.43
CA PHE A 197 -13.53 11.13 13.41
C PHE A 197 -14.07 11.75 14.69
N LEU A 198 -13.44 12.84 15.12
CA LEU A 198 -13.93 13.66 16.27
C LEU A 198 -13.99 15.12 15.80
N ILE A 199 -15.20 15.61 15.53
CA ILE A 199 -15.43 17.02 15.15
C ILE A 199 -15.95 17.76 16.40
N LYS A 200 -15.18 18.75 16.85
CA LYS A 200 -15.46 19.56 18.07
C LYS A 200 -15.24 21.04 17.74
N SER A 201 -16.21 21.87 18.09
CA SER A 201 -16.17 23.34 17.90
C SER A 201 -16.47 24.02 19.23
N PRO A 202 -15.62 24.96 19.67
CA PRO A 202 -15.80 25.60 20.98
C PRO A 202 -16.88 26.68 20.88
N ASP A 203 -17.00 27.33 19.73
CA ASP A 203 -18.15 28.17 19.32
C ASP A 203 -19.36 27.27 19.03
N SER A 204 -20.50 27.87 18.70
CA SER A 204 -21.56 27.25 17.86
C SER A 204 -21.10 27.30 16.40
N HIS A 205 -21.98 26.99 15.45
CA HIS A 205 -21.66 26.81 14.02
C HIS A 205 -20.26 26.23 13.82
N PRO A 206 -20.07 24.90 13.94
CA PRO A 206 -18.85 24.27 13.45
C PRO A 206 -18.76 24.40 11.93
N ALA A 207 -17.56 24.41 11.37
CA ALA A 207 -17.33 24.37 9.91
C ALA A 207 -15.94 23.82 9.67
N ASP A 208 -15.69 23.23 8.49
CA ASP A 208 -16.60 23.12 7.38
C ASP A 208 -16.95 21.65 7.05
N GLY A 209 -16.15 20.68 7.51
CA GLY A 209 -16.43 19.26 7.20
C GLY A 209 -15.18 18.45 6.90
N ILE A 210 -15.41 17.15 6.71
CA ILE A 210 -14.40 16.10 6.41
C ILE A 210 -14.92 15.34 5.19
N ALA A 211 -14.05 14.97 4.27
CA ALA A 211 -14.43 14.13 3.12
C ALA A 211 -13.47 12.96 3.01
N PHE A 212 -14.00 11.81 2.60
CA PHE A 212 -13.18 10.73 1.98
C PHE A 212 -13.23 11.01 0.47
N PHE A 213 -12.10 10.94 -0.20
CA PHE A 213 -12.03 11.24 -1.64
C PHE A 213 -11.15 10.24 -2.37
N ILE A 214 -11.40 10.18 -3.67
CA ILE A 214 -10.57 9.45 -4.65
C ILE A 214 -10.26 10.44 -5.74
N SER A 215 -9.00 10.46 -6.15
CA SER A 215 -8.47 11.51 -7.06
C SER A 215 -7.50 10.86 -8.03
N ASN A 216 -7.14 11.59 -9.08
CA ASN A 216 -5.91 11.33 -9.85
C ASN A 216 -4.75 11.21 -8.85
N ILE A 217 -3.74 10.44 -9.24
CA ILE A 217 -2.63 10.03 -8.34
C ILE A 217 -1.88 11.30 -7.90
N ASP A 218 -1.79 12.30 -8.77
CA ASP A 218 -0.96 13.51 -8.50
C ASP A 218 -1.85 14.63 -7.92
N SER A 219 -3.02 14.30 -7.36
CA SER A 219 -3.94 15.29 -6.75
C SER A 219 -3.23 16.15 -5.69
N SER A 220 -3.53 17.45 -5.65
CA SER A 220 -3.01 18.37 -4.60
C SER A 220 -4.14 19.31 -4.19
N ILE A 221 -4.02 19.90 -3.01
CA ILE A 221 -5.08 20.79 -2.46
C ILE A 221 -5.20 21.94 -3.46
N PRO A 222 -6.39 22.21 -4.06
CA PRO A 222 -6.50 23.40 -4.91
C PRO A 222 -6.27 24.65 -4.03
N SER A 223 -5.45 25.59 -4.52
CA SER A 223 -5.13 26.86 -3.80
C SER A 223 -6.43 27.58 -3.45
N GLY A 224 -6.58 27.97 -2.19
CA GLY A 224 -7.74 28.73 -1.69
C GLY A 224 -8.93 27.86 -1.36
N SER A 225 -8.80 26.52 -1.42
CA SER A 225 -9.92 25.56 -1.20
C SER A 225 -10.24 25.36 0.29
N THR A 226 -10.02 26.38 1.13
CA THR A 226 -10.49 26.42 2.53
C THR A 226 -12.01 26.62 2.53
N GLY A 227 -12.63 26.68 3.70
CA GLY A 227 -14.08 26.89 3.85
C GLY A 227 -14.89 25.83 3.11
N ARG A 228 -15.87 26.30 2.36
CA ARG A 228 -16.93 25.45 1.79
C ARG A 228 -16.39 24.47 0.73
N LEU A 229 -15.18 24.69 0.20
CA LEU A 229 -14.58 23.86 -0.87
C LEU A 229 -13.87 22.61 -0.30
N LEU A 230 -13.72 22.47 1.01
CA LEU A 230 -13.40 21.20 1.73
C LEU A 230 -12.04 20.62 1.32
N GLY A 231 -11.15 21.46 0.79
CA GLY A 231 -9.83 21.05 0.28
C GLY A 231 -9.92 20.21 -0.98
N LEU A 232 -11.08 20.16 -1.65
CA LEU A 232 -11.32 19.22 -2.79
C LEU A 232 -11.34 19.94 -4.14
N PHE A 233 -12.01 21.09 -4.22
CA PHE A 233 -12.39 21.75 -5.49
C PHE A 233 -11.82 23.17 -5.56
N PRO A 234 -11.44 23.64 -6.76
CA PRO A 234 -10.88 24.97 -6.93
C PRO A 234 -11.95 26.06 -6.94
N ASP A 235 -13.22 25.68 -7.08
CA ASP A 235 -14.36 26.63 -7.10
C ASP A 235 -15.64 25.85 -6.78
N ALA A 236 -16.78 26.54 -6.69
CA ALA A 236 -18.07 25.96 -6.25
C ALA A 236 -18.96 25.58 -7.45
N ASN A 237 -18.40 25.44 -8.65
CA ASN A 237 -19.21 25.09 -9.85
C ASN A 237 -19.71 23.64 -9.72
N ALA B 1 25.95 2.08 1.68
CA ALA B 1 25.20 1.04 0.93
C ALA B 1 23.81 0.84 1.56
N ASP B 2 22.90 0.18 0.84
CA ASP B 2 21.58 -0.23 1.35
C ASP B 2 21.73 -1.17 2.55
N THR B 3 20.68 -1.28 3.37
CA THR B 3 20.47 -2.36 4.36
C THR B 3 19.56 -3.41 3.75
N ILE B 4 20.00 -4.66 3.70
CA ILE B 4 19.24 -5.76 3.09
C ILE B 4 19.00 -6.90 4.11
N VAL B 5 17.76 -7.36 4.19
CA VAL B 5 17.39 -8.70 4.72
C VAL B 5 16.70 -9.45 3.58
N ALA B 6 17.10 -10.67 3.27
CA ALA B 6 16.52 -11.41 2.14
C ALA B 6 16.42 -12.89 2.44
N VAL B 7 15.49 -13.50 1.73
CA VAL B 7 15.42 -14.95 1.51
C VAL B 7 15.82 -15.19 0.06
N GLU B 8 16.91 -15.93 -0.16
CA GLU B 8 17.36 -16.23 -1.53
C GLU B 8 16.90 -17.65 -1.90
N LEU B 9 16.34 -17.78 -3.11
CA LEU B 9 16.28 -19.07 -3.82
C LEU B 9 17.49 -19.08 -4.78
N ASP B 10 18.62 -19.63 -4.34
CA ASP B 10 19.92 -19.55 -5.03
C ASP B 10 20.08 -20.80 -5.90
N THR B 11 19.93 -20.65 -7.21
CA THR B 11 19.98 -21.77 -8.19
C THR B 11 21.42 -22.15 -8.53
N TYR B 12 22.41 -21.32 -8.22
CA TYR B 12 23.79 -21.52 -8.75
C TYR B 12 24.81 -21.41 -7.65
N PRO B 13 25.55 -22.49 -7.37
CA PRO B 13 26.60 -22.48 -6.34
C PRO B 13 27.80 -21.63 -6.77
N ASN B 14 28.10 -20.63 -5.97
CA ASN B 14 29.29 -19.77 -6.07
C ASN B 14 30.16 -20.15 -4.87
N THR B 15 30.86 -21.30 -4.97
CA THR B 15 31.76 -21.90 -3.94
C THR B 15 32.73 -20.84 -3.41
N ASP B 16 33.25 -20.01 -4.30
CA ASP B 16 34.25 -18.95 -4.00
C ASP B 16 33.69 -17.92 -3.02
N ILE B 17 32.36 -17.74 -2.93
CA ILE B 17 31.70 -16.72 -2.05
C ILE B 17 30.89 -17.42 -0.94
N GLY B 18 31.06 -18.74 -0.75
CA GLY B 18 30.57 -19.43 0.47
C GLY B 18 29.22 -20.12 0.28
N ASP B 19 28.68 -20.11 -0.93
CA ASP B 19 27.52 -20.98 -1.28
C ASP B 19 27.92 -22.44 -1.05
N PRO B 20 26.99 -23.31 -0.63
CA PRO B 20 27.21 -24.76 -0.64
C PRO B 20 27.24 -25.21 -2.10
N SER B 21 27.62 -26.47 -2.35
CA SER B 21 27.92 -27.02 -3.69
C SER B 21 26.62 -27.50 -4.34
N TYR B 22 25.47 -26.91 -4.00
CA TYR B 22 24.16 -27.32 -4.55
C TYR B 22 23.20 -26.14 -4.53
N PRO B 23 22.15 -26.14 -5.38
CA PRO B 23 21.08 -25.14 -5.30
C PRO B 23 20.50 -25.18 -3.88
N HIS B 24 20.25 -24.01 -3.31
CA HIS B 24 19.96 -23.84 -1.87
C HIS B 24 19.01 -22.65 -1.70
N ILE B 25 18.31 -22.63 -0.58
CA ILE B 25 17.61 -21.42 -0.08
C ILE B 25 18.44 -20.93 1.09
N GLY B 26 18.41 -19.64 1.36
CA GLY B 26 19.14 -19.10 2.50
C GLY B 26 18.56 -17.82 3.03
N ILE B 27 18.99 -17.48 4.21
CA ILE B 27 18.64 -16.24 4.93
C ILE B 27 19.87 -15.36 4.87
N ASP B 28 19.74 -14.21 4.22
CA ASP B 28 20.80 -13.19 4.02
C ASP B 28 20.50 -11.99 4.91
N ILE B 29 21.40 -11.71 5.85
CA ILE B 29 21.34 -10.53 6.74
C ILE B 29 22.56 -9.65 6.45
N LYS B 30 22.37 -8.63 5.60
CA LYS B 30 23.37 -7.58 5.28
C LYS B 30 24.59 -8.19 4.56
N SER B 31 24.46 -9.38 3.97
CA SER B 31 25.53 -10.06 3.19
C SER B 31 24.93 -11.11 2.27
N VAL B 32 25.54 -11.31 1.11
CA VAL B 32 25.15 -12.39 0.16
C VAL B 32 25.54 -13.76 0.75
N ARG B 33 26.41 -13.76 1.77
CA ARG B 33 26.87 -15.00 2.43
C ARG B 33 25.84 -15.37 3.49
N SER B 34 24.93 -16.28 3.16
CA SER B 34 23.72 -16.64 3.95
C SER B 34 24.14 -17.05 5.35
N LYS B 35 23.39 -16.60 6.34
CA LYS B 35 23.63 -16.94 7.77
C LYS B 35 23.18 -18.37 7.98
N LYS B 36 22.28 -18.87 7.14
CA LYS B 36 21.74 -20.26 7.18
C LYS B 36 21.26 -20.59 5.76
N THR B 37 21.51 -21.81 5.32
CA THR B 37 21.07 -22.35 4.01
C THR B 37 20.46 -23.72 4.25
N ALA B 38 19.66 -24.19 3.31
CA ALA B 38 19.13 -25.56 3.25
C ALA B 38 19.22 -25.95 1.78
N LYS B 39 19.45 -27.23 1.52
CA LYS B 39 19.49 -27.79 0.16
C LYS B 39 18.11 -27.62 -0.45
N TRP B 40 18.07 -27.30 -1.75
CA TRP B 40 16.82 -27.01 -2.49
C TRP B 40 16.88 -27.74 -3.83
N ASN B 41 15.92 -28.63 -4.08
CA ASN B 41 15.76 -29.38 -5.34
C ASN B 41 14.88 -28.55 -6.27
N MET B 42 15.45 -27.49 -6.83
CA MET B 42 14.80 -26.59 -7.83
C MET B 42 14.33 -27.44 -9.01
N GLN B 43 13.07 -27.33 -9.44
CA GLN B 43 12.51 -28.17 -10.53
C GLN B 43 12.38 -27.31 -11.79
N ASN B 44 13.36 -27.44 -12.69
CA ASN B 44 13.48 -26.63 -13.92
C ASN B 44 12.14 -26.64 -14.65
N GLY B 45 11.55 -25.47 -14.88
CA GLY B 45 10.32 -25.33 -15.67
C GLY B 45 9.05 -25.58 -14.87
N LYS B 46 9.12 -25.87 -13.56
CA LYS B 46 7.88 -26.06 -12.74
C LYS B 46 7.59 -24.79 -11.93
N VAL B 47 6.31 -24.56 -11.67
CA VAL B 47 5.86 -23.44 -10.80
C VAL B 47 6.02 -23.85 -9.34
N GLY B 48 6.86 -23.13 -8.61
CA GLY B 48 7.08 -23.27 -7.15
C GLY B 48 6.38 -22.16 -6.36
N THR B 49 6.31 -22.32 -5.03
CA THR B 49 5.74 -21.39 -4.02
C THR B 49 6.79 -21.16 -2.93
N ALA B 50 7.12 -19.90 -2.66
CA ALA B 50 7.95 -19.47 -1.50
C ALA B 50 7.04 -18.82 -0.45
N HIS B 51 7.13 -19.27 0.79
CA HIS B 51 6.42 -18.72 1.98
C HIS B 51 7.47 -18.20 2.95
N ILE B 52 7.36 -16.94 3.37
CA ILE B 52 8.30 -16.30 4.32
C ILE B 52 7.50 -15.79 5.51
N ILE B 53 7.96 -16.03 6.73
CA ILE B 53 7.24 -15.63 7.96
C ILE B 53 8.22 -15.13 9.00
N TYR B 54 7.78 -14.14 9.78
CA TYR B 54 8.52 -13.58 10.92
C TYR B 54 7.51 -12.99 11.88
N ASN B 55 7.79 -13.10 13.18
CA ASN B 55 7.04 -12.34 14.20
C ASN B 55 8.02 -11.93 15.29
N SER B 56 7.71 -10.84 15.97
CA SER B 56 8.54 -10.18 17.00
C SER B 56 8.50 -10.97 18.29
N VAL B 57 7.63 -12.00 18.42
CA VAL B 57 7.59 -12.86 19.64
C VAL B 57 8.71 -13.91 19.53
N ASP B 58 8.74 -14.71 18.48
CA ASP B 58 9.81 -15.73 18.28
C ASP B 58 11.09 -15.07 17.74
N LYS B 59 10.99 -13.99 16.98
CA LYS B 59 12.15 -13.31 16.33
C LYS B 59 12.93 -14.35 15.50
N ARG B 60 12.23 -15.11 14.68
CA ARG B 60 12.78 -16.19 13.85
C ARG B 60 12.27 -15.97 12.43
N LEU B 61 13.17 -15.66 11.49
CA LEU B 61 12.82 -15.51 10.05
C LEU B 61 12.86 -16.91 9.44
N SER B 62 11.76 -17.39 8.88
CA SER B 62 11.63 -18.76 8.32
C SER B 62 11.08 -18.67 6.90
N ALA B 63 11.50 -19.61 6.05
CA ALA B 63 11.02 -19.71 4.67
C ALA B 63 10.80 -21.18 4.35
N VAL B 64 9.77 -21.46 3.57
CA VAL B 64 9.50 -22.79 2.98
C VAL B 64 9.37 -22.57 1.48
N VAL B 65 10.04 -23.39 0.68
CA VAL B 65 9.94 -23.35 -0.80
C VAL B 65 9.49 -24.75 -1.25
N SER B 66 8.45 -24.83 -2.06
CA SER B 66 7.79 -26.10 -2.41
C SER B 66 7.29 -26.11 -3.85
N TYR B 67 7.15 -27.32 -4.36
CA TYR B 67 6.53 -27.66 -5.65
C TYR B 67 5.41 -28.63 -5.36
N PRO B 68 4.36 -28.71 -6.20
CA PRO B 68 3.27 -29.65 -5.99
C PRO B 68 3.64 -31.12 -5.65
N ASN B 69 4.58 -31.75 -6.33
CA ASN B 69 4.62 -33.24 -6.20
C ASN B 69 5.83 -33.68 -5.36
N ALA B 70 6.20 -32.94 -4.30
CA ALA B 70 7.59 -32.97 -3.79
C ALA B 70 7.65 -32.51 -2.34
N ASP B 71 8.73 -32.87 -1.66
CA ASP B 71 9.10 -32.43 -0.30
C ASP B 71 9.55 -30.98 -0.39
N SER B 72 9.21 -30.20 0.62
CA SER B 72 9.55 -28.77 0.73
C SER B 72 11.03 -28.65 1.14
N ALA B 73 11.64 -27.50 0.89
CA ALA B 73 12.87 -27.09 1.60
C ALA B 73 12.49 -25.97 2.57
N THR B 74 13.09 -25.95 3.75
CA THR B 74 12.75 -24.94 4.77
C THR B 74 14.07 -24.45 5.38
N VAL B 75 14.14 -23.18 5.77
CA VAL B 75 15.35 -22.60 6.42
C VAL B 75 14.86 -21.54 7.40
N SER B 76 15.53 -21.39 8.53
CA SER B 76 15.13 -20.51 9.65
C SER B 76 16.39 -19.91 10.24
N TYR B 77 16.29 -18.68 10.71
CA TYR B 77 17.41 -18.04 11.42
C TYR B 77 16.83 -17.15 12.51
N ASP B 78 17.32 -17.30 13.74
CA ASP B 78 16.98 -16.39 14.85
C ASP B 78 17.72 -15.11 14.59
N VAL B 79 16.96 -14.02 14.50
CA VAL B 79 17.47 -12.64 14.27
C VAL B 79 16.39 -11.68 14.76
N ASP B 80 16.78 -10.69 15.56
CA ASP B 80 15.90 -9.56 15.95
C ASP B 80 15.99 -8.48 14.86
N LEU B 81 15.01 -8.41 13.96
CA LEU B 81 15.06 -7.49 12.79
C LEU B 81 14.93 -6.05 13.26
N ASP B 82 14.44 -5.81 14.48
CA ASP B 82 14.45 -4.45 15.11
C ASP B 82 15.87 -3.88 15.16
N ASN B 83 16.88 -4.75 15.26
CA ASN B 83 18.30 -4.36 15.42
C ASN B 83 19.00 -4.33 14.07
N VAL B 84 18.31 -4.71 13.00
CA VAL B 84 18.90 -4.86 11.64
C VAL B 84 18.27 -3.84 10.68
N LEU B 85 16.94 -3.77 10.59
CA LEU B 85 16.24 -2.94 9.60
C LEU B 85 15.90 -1.59 10.20
N PRO B 86 15.78 -0.54 9.37
CA PRO B 86 15.14 0.69 9.81
C PRO B 86 13.65 0.39 10.06
N GLU B 87 13.03 1.28 10.79
CA GLU B 87 11.62 1.18 11.24
C GLU B 87 10.72 1.10 10.01
N TRP B 88 10.99 1.96 9.02
CA TRP B 88 10.26 1.97 7.73
C TRP B 88 11.12 1.35 6.63
N VAL B 89 10.52 0.50 5.80
CA VAL B 89 11.23 -0.30 4.75
C VAL B 89 10.42 -0.28 3.44
N ARG B 90 11.04 -0.78 2.38
CA ARG B 90 10.29 -1.27 1.21
C ARG B 90 10.48 -2.76 1.16
N VAL B 91 9.49 -3.46 0.60
CA VAL B 91 9.63 -4.91 0.36
C VAL B 91 9.64 -5.13 -1.14
N GLY B 92 10.34 -6.17 -1.59
CA GLY B 92 10.55 -6.40 -3.03
C GLY B 92 10.90 -7.81 -3.35
N LEU B 93 10.89 -8.08 -4.66
CA LEU B 93 11.45 -9.29 -5.28
C LEU B 93 12.63 -8.85 -6.16
N SER B 94 13.67 -9.67 -6.20
CA SER B 94 14.91 -9.41 -6.97
C SER B 94 15.34 -10.69 -7.68
N ALA B 95 15.98 -10.59 -8.84
CA ALA B 95 16.49 -11.79 -9.54
C ALA B 95 17.66 -11.36 -10.41
N SER B 96 18.54 -12.29 -10.72
CA SER B 96 19.69 -12.00 -11.61
C SER B 96 20.07 -13.23 -12.40
N THR B 97 20.80 -12.98 -13.48
CA THR B 97 21.52 -13.97 -14.30
C THR B 97 22.94 -13.44 -14.52
N GLY B 98 23.88 -14.31 -14.91
CA GLY B 98 25.29 -13.92 -15.18
C GLY B 98 25.76 -14.56 -16.47
N LEU B 99 26.80 -15.37 -16.43
CA LEU B 99 27.25 -16.22 -17.57
C LEU B 99 26.15 -17.22 -17.84
N TYR B 100 25.50 -17.73 -16.80
CA TYR B 100 24.35 -18.65 -16.90
C TYR B 100 23.06 -17.88 -16.57
N LYS B 101 21.94 -18.48 -16.99
CA LYS B 101 20.64 -17.82 -17.24
C LYS B 101 19.52 -18.76 -16.79
N GLU B 102 18.34 -18.17 -16.62
CA GLU B 102 17.04 -18.79 -16.22
C GLU B 102 16.00 -17.69 -16.37
N THR B 103 14.76 -18.03 -16.70
CA THR B 103 13.58 -17.17 -16.48
C THR B 103 13.44 -16.95 -14.97
N ASN B 104 13.16 -15.72 -14.56
CA ASN B 104 12.89 -15.38 -13.14
C ASN B 104 11.47 -14.82 -13.11
N THR B 105 10.53 -15.68 -13.48
CA THR B 105 9.11 -15.35 -13.71
C THR B 105 8.37 -15.42 -12.38
N ILE B 106 7.69 -14.34 -12.00
CA ILE B 106 6.83 -14.25 -10.78
C ILE B 106 5.38 -14.24 -11.26
N LEU B 107 4.59 -15.22 -10.84
CA LEU B 107 3.19 -15.40 -11.29
C LEU B 107 2.23 -14.73 -10.29
N SER B 108 2.65 -14.63 -9.04
CA SER B 108 1.85 -14.06 -7.93
C SER B 108 2.79 -13.63 -6.80
N TRP B 109 2.36 -12.65 -6.04
CA TRP B 109 3.10 -12.13 -4.88
C TRP B 109 2.08 -11.54 -3.91
N SER B 110 2.13 -11.94 -2.66
CA SER B 110 1.31 -11.31 -1.61
C SER B 110 2.18 -11.04 -0.38
N PHE B 111 1.73 -10.08 0.41
CA PHE B 111 2.46 -9.58 1.59
C PHE B 111 1.44 -9.07 2.60
N THR B 112 1.70 -9.34 3.87
CA THR B 112 0.90 -8.81 4.99
C THR B 112 1.89 -8.45 6.09
N SER B 113 1.73 -7.27 6.67
CA SER B 113 2.46 -6.78 7.84
C SER B 113 1.45 -6.21 8.83
N LYS B 114 1.66 -6.47 10.12
CA LYS B 114 0.76 -6.07 11.22
C LYS B 114 1.61 -5.58 12.40
N LEU B 115 1.21 -4.47 12.99
CA LEU B 115 1.73 -3.96 14.28
C LEU B 115 0.55 -3.97 15.25
N LYS B 116 0.49 -4.93 16.17
CA LYS B 116 -0.59 -5.12 17.17
C LYS B 116 -0.12 -4.46 18.44
N SER B 117 -0.63 -3.27 18.74
CA SER B 117 -0.08 -2.38 19.79
C SER B 117 -0.88 -2.54 21.08
N GLU B 122 -6.11 -1.31 18.30
CA GLU B 122 -4.92 -0.45 18.01
C GLU B 122 -3.93 -1.19 17.09
N THR B 123 -4.44 -2.02 16.17
CA THR B 123 -3.62 -2.72 15.14
C THR B 123 -3.49 -1.85 13.89
N ASN B 124 -2.25 -1.66 13.41
CA ASN B 124 -1.96 -1.15 12.05
C ASN B 124 -1.69 -2.35 11.14
N ALA B 125 -2.27 -2.37 9.92
CA ALA B 125 -2.08 -3.48 8.98
C ALA B 125 -1.86 -2.99 7.54
N LEU B 126 -1.08 -3.75 6.79
CA LEU B 126 -0.94 -3.62 5.33
C LEU B 126 -1.03 -4.98 4.69
N HIS B 127 -1.83 -5.10 3.66
CA HIS B 127 -1.89 -6.34 2.87
C HIS B 127 -1.99 -5.99 1.38
N PHE B 128 -1.19 -6.60 0.53
CA PHE B 128 -1.41 -6.55 -0.94
C PHE B 128 -1.36 -7.98 -1.48
N MET B 129 -2.08 -8.18 -2.57
CA MET B 129 -2.05 -9.44 -3.31
C MET B 129 -2.04 -9.13 -4.80
N PHE B 130 -1.01 -9.59 -5.50
CA PHE B 130 -0.98 -9.63 -6.99
C PHE B 130 -1.08 -11.09 -7.46
N ASN B 131 -2.20 -11.47 -8.07
CA ASN B 131 -2.35 -12.74 -8.83
C ASN B 131 -2.21 -12.45 -10.33
N GLN B 132 -2.42 -11.20 -10.77
CA GLN B 132 -2.14 -10.73 -12.15
C GLN B 132 -1.33 -9.44 -12.06
N PHE B 133 -0.24 -9.38 -12.80
CA PHE B 133 0.57 -8.15 -12.99
C PHE B 133 0.18 -7.55 -14.33
N SER B 134 -0.04 -6.24 -14.39
CA SER B 134 -0.47 -5.55 -15.63
C SER B 134 0.67 -4.68 -16.14
N LYS B 135 0.57 -4.25 -17.40
CA LYS B 135 1.62 -3.55 -18.18
C LYS B 135 2.09 -2.28 -17.49
N ASP B 136 1.19 -1.51 -16.89
CA ASP B 136 1.61 -0.22 -16.28
C ASP B 136 1.22 -0.26 -14.79
N GLN B 137 1.92 -1.09 -14.01
CA GLN B 137 1.48 -1.36 -12.63
C GLN B 137 2.06 -0.32 -11.68
N LYS B 138 1.25 0.69 -11.39
CA LYS B 138 1.69 1.92 -10.70
C LYS B 138 1.98 1.70 -9.20
N ASP B 139 1.53 0.60 -8.57
CA ASP B 139 1.86 0.29 -7.16
C ASP B 139 3.15 -0.57 -7.08
N LEU B 140 3.85 -0.74 -8.19
CA LEU B 140 5.18 -1.42 -8.23
C LEU B 140 6.23 -0.44 -8.74
N ILE B 141 7.39 -0.45 -8.09
CA ILE B 141 8.61 0.23 -8.59
C ILE B 141 9.47 -0.84 -9.26
N LEU B 142 9.57 -0.79 -10.57
CA LEU B 142 10.43 -1.72 -11.35
C LEU B 142 11.82 -1.12 -11.47
N GLN B 143 12.84 -1.92 -11.21
CA GLN B 143 14.25 -1.50 -11.27
C GLN B 143 15.00 -2.41 -12.24
N GLY B 144 15.94 -1.87 -13.00
CA GLY B 144 16.77 -2.68 -13.90
C GLY B 144 15.93 -3.31 -14.99
N ASP B 145 16.04 -4.61 -15.19
CA ASP B 145 15.42 -5.30 -16.34
C ASP B 145 13.97 -5.70 -16.07
N ALA B 146 13.44 -5.50 -14.86
CA ALA B 146 12.10 -6.03 -14.47
C ALA B 146 10.99 -5.46 -15.36
N THR B 147 10.07 -6.30 -15.83
CA THR B 147 8.89 -5.87 -16.65
C THR B 147 7.65 -6.63 -16.19
N THR B 148 6.48 -6.02 -16.39
CA THR B 148 5.15 -6.61 -16.08
C THR B 148 4.29 -6.64 -17.33
N GLY B 149 3.28 -7.52 -17.37
CA GLY B 149 2.20 -7.51 -18.37
C GLY B 149 2.24 -8.68 -19.32
N THR B 150 3.45 -9.24 -19.54
CA THR B 150 3.69 -10.45 -20.38
C THR B 150 3.00 -11.66 -19.73
N ASP B 151 1.82 -12.03 -20.24
CA ASP B 151 0.99 -13.16 -19.74
C ASP B 151 0.52 -12.87 -18.30
N GLY B 152 0.41 -11.59 -17.90
CA GLY B 152 0.01 -11.19 -16.54
C GLY B 152 1.06 -11.53 -15.51
N ASN B 153 2.32 -11.72 -15.92
CA ASN B 153 3.43 -12.10 -15.03
C ASN B 153 4.40 -10.95 -14.87
N LEU B 154 5.23 -11.04 -13.84
CA LEU B 154 6.37 -10.13 -13.59
C LEU B 154 7.64 -10.91 -13.98
N GLU B 155 8.35 -10.49 -15.02
CA GLU B 155 9.64 -11.09 -15.46
C GLU B 155 10.75 -10.28 -14.80
N LEU B 156 11.35 -10.79 -13.75
CA LEU B 156 12.38 -10.01 -13.03
C LEU B 156 13.61 -9.73 -13.90
N THR B 157 14.00 -10.68 -14.75
CA THR B 157 15.17 -10.56 -15.66
C THR B 157 14.73 -10.69 -17.12
N ARG B 158 15.61 -10.29 -18.04
CA ARG B 158 15.33 -10.26 -19.49
C ARG B 158 14.97 -11.63 -20.07
N VAL B 159 13.83 -11.69 -20.75
CA VAL B 159 13.39 -12.91 -21.48
C VAL B 159 13.08 -12.45 -22.92
N SER B 160 13.49 -13.21 -23.95
CA SER B 160 13.13 -12.93 -25.37
C SER B 160 11.64 -13.19 -25.60
N SER B 161 11.10 -12.71 -26.73
CA SER B 161 9.70 -12.89 -27.22
C SER B 161 9.32 -14.39 -27.28
N ASN B 162 10.26 -15.26 -27.66
CA ASN B 162 10.02 -16.74 -27.74
C ASN B 162 10.28 -17.41 -26.39
N GLY B 163 10.50 -16.65 -25.31
CA GLY B 163 10.60 -17.18 -23.94
C GLY B 163 12.01 -17.60 -23.54
N SER B 164 13.03 -17.24 -24.32
CA SER B 164 14.46 -17.56 -24.04
C SER B 164 15.04 -16.53 -23.06
N PRO B 165 15.60 -16.97 -21.91
CA PRO B 165 16.18 -16.04 -20.94
C PRO B 165 17.58 -15.55 -21.34
N GLN B 166 17.95 -14.33 -20.91
CA GLN B 166 19.26 -13.74 -21.24
C GLN B 166 20.16 -13.77 -20.00
N GLY B 167 21.47 -13.88 -20.25
CA GLY B 167 22.56 -13.71 -19.26
C GLY B 167 22.76 -12.25 -18.89
N SER B 168 23.61 -12.01 -17.89
CA SER B 168 23.98 -10.66 -17.39
C SER B 168 22.75 -9.75 -17.30
N SER B 169 21.69 -10.21 -16.64
CA SER B 169 20.44 -9.43 -16.41
C SER B 169 20.17 -9.34 -14.91
N VAL B 170 19.51 -8.26 -14.46
CA VAL B 170 19.17 -8.04 -13.03
C VAL B 170 17.95 -7.13 -13.01
N GLY B 171 17.02 -7.41 -12.12
CA GLY B 171 15.74 -6.68 -12.09
C GLY B 171 15.07 -6.90 -10.76
N ARG B 172 14.34 -5.89 -10.30
CA ARG B 172 13.64 -5.93 -9.01
C ARG B 172 12.27 -5.25 -9.16
N ALA B 173 11.34 -5.62 -8.29
CA ALA B 173 9.99 -5.02 -8.17
C ALA B 173 9.77 -4.73 -6.69
N LEU B 174 9.57 -3.48 -6.33
CA LEU B 174 9.30 -3.10 -4.92
C LEU B 174 7.87 -2.61 -4.84
N PHE B 175 7.18 -2.92 -3.75
CA PHE B 175 5.85 -2.34 -3.50
C PHE B 175 6.04 -0.83 -3.26
N TYR B 176 5.16 -0.03 -3.83
CA TYR B 176 5.32 1.45 -3.89
C TYR B 176 5.31 2.03 -2.47
N ALA B 177 4.41 1.58 -1.57
CA ALA B 177 4.25 2.17 -0.22
C ALA B 177 5.36 1.66 0.69
N PRO B 178 6.02 2.56 1.44
CA PRO B 178 6.81 2.16 2.60
C PRO B 178 5.99 1.34 3.59
N VAL B 179 6.68 0.43 4.28
CA VAL B 179 6.09 -0.55 5.24
C VAL B 179 6.72 -0.27 6.61
N HIS B 180 5.86 -0.14 7.61
CA HIS B 180 6.24 -0.01 9.04
C HIS B 180 6.56 -1.39 9.59
N ILE B 181 7.83 -1.80 9.54
CA ILE B 181 8.24 -3.23 9.72
C ILE B 181 8.30 -3.53 11.22
N TRP B 182 8.70 -2.54 12.04
CA TRP B 182 8.74 -2.63 13.52
C TRP B 182 8.41 -1.28 14.14
N GLU B 183 7.95 -1.31 15.40
CA GLU B 183 7.55 -0.13 16.19
C GLU B 183 7.86 -0.47 17.67
N SER B 184 8.56 0.41 18.38
CA SER B 184 9.00 0.19 19.79
C SER B 184 7.78 -0.13 20.68
N SER B 185 6.65 0.56 20.49
CA SER B 185 5.38 0.40 21.26
C SER B 185 4.71 -0.96 20.97
N ALA B 186 4.94 -1.55 19.80
CA ALA B 186 4.19 -2.75 19.31
C ALA B 186 4.45 -3.93 20.26
N VAL B 187 3.40 -4.68 20.62
CA VAL B 187 3.53 -5.88 21.50
C VAL B 187 3.70 -7.08 20.58
N VAL B 188 3.14 -7.01 19.38
CA VAL B 188 3.35 -8.03 18.32
C VAL B 188 3.49 -7.28 16.99
N ALA B 189 4.58 -7.55 16.30
CA ALA B 189 4.84 -7.17 14.91
C ALA B 189 5.02 -8.50 14.16
N SER B 190 4.33 -8.67 13.05
CA SER B 190 4.44 -9.87 12.20
C SER B 190 4.43 -9.46 10.73
N PHE B 191 5.03 -10.27 9.88
CA PHE B 191 4.90 -10.16 8.42
C PHE B 191 5.00 -11.55 7.82
N GLU B 192 4.41 -11.68 6.64
CA GLU B 192 4.49 -12.90 5.81
C GLU B 192 4.44 -12.47 4.35
N ALA B 193 5.14 -13.22 3.51
CA ALA B 193 5.23 -12.97 2.07
C ALA B 193 5.08 -14.32 1.37
N THR B 194 4.36 -14.34 0.26
CA THR B 194 4.12 -15.56 -0.55
C THR B 194 4.39 -15.14 -1.98
N PHE B 195 5.20 -15.89 -2.72
CA PHE B 195 5.21 -15.70 -4.18
C PHE B 195 5.28 -17.07 -4.86
N THR B 196 4.73 -17.10 -6.06
CA THR B 196 4.77 -18.21 -7.04
C THR B 196 5.77 -17.82 -8.13
N PHE B 197 6.61 -18.73 -8.60
CA PHE B 197 7.77 -18.44 -9.49
C PHE B 197 7.91 -19.60 -10.48
N LEU B 198 8.44 -19.30 -11.66
CA LEU B 198 8.72 -20.31 -12.71
C LEU B 198 10.15 -20.06 -13.19
N ILE B 199 11.08 -20.88 -12.71
CA ILE B 199 12.52 -20.81 -13.11
C ILE B 199 12.75 -21.92 -14.14
N LYS B 200 13.13 -21.53 -15.36
CA LYS B 200 13.32 -22.42 -16.54
C LYS B 200 14.60 -22.00 -17.24
N SER B 201 15.46 -22.97 -17.57
CA SER B 201 16.76 -22.77 -18.26
C SER B 201 16.92 -23.83 -19.34
N PRO B 202 17.48 -23.50 -20.53
CA PRO B 202 17.92 -24.52 -21.46
C PRO B 202 19.25 -25.12 -20.97
N ASP B 203 20.06 -24.32 -20.26
CA ASP B 203 21.37 -24.68 -19.66
C ASP B 203 21.19 -25.76 -18.59
N SER B 204 22.21 -26.58 -18.38
CA SER B 204 22.26 -27.63 -17.32
C SER B 204 22.55 -26.98 -15.95
N HIS B 205 23.20 -25.81 -15.95
CA HIS B 205 23.39 -24.91 -14.78
C HIS B 205 22.50 -23.67 -14.97
N PRO B 206 21.26 -23.66 -14.47
CA PRO B 206 20.50 -22.40 -14.36
C PRO B 206 21.20 -21.45 -13.38
N ALA B 207 21.03 -20.14 -13.57
CA ALA B 207 21.57 -19.12 -12.64
C ALA B 207 20.74 -17.86 -12.78
N ASP B 208 20.69 -17.00 -11.78
CA ASP B 208 21.41 -17.13 -10.52
C ASP B 208 20.44 -17.31 -9.34
N GLY B 209 19.15 -16.94 -9.49
CA GLY B 209 18.19 -17.06 -8.37
C GLY B 209 17.25 -15.86 -8.25
N ILE B 210 16.36 -15.96 -7.27
CA ILE B 210 15.25 -15.02 -6.95
C ILE B 210 15.31 -14.82 -5.45
N ALA B 211 15.11 -13.60 -5.00
CA ALA B 211 15.10 -13.28 -3.56
C ALA B 211 13.85 -12.45 -3.26
N PHE B 212 13.25 -12.70 -2.10
CA PHE B 212 12.37 -11.73 -1.41
C PHE B 212 13.28 -10.93 -0.49
N PHE B 213 13.15 -9.61 -0.49
CA PHE B 213 14.03 -8.75 0.31
C PHE B 213 13.24 -7.64 0.96
N ILE B 214 13.82 -7.17 2.05
CA ILE B 214 13.37 -5.95 2.77
C ILE B 214 14.57 -5.03 2.86
N SER B 215 14.37 -3.75 2.57
CA SER B 215 15.46 -2.77 2.38
C SER B 215 15.06 -1.44 2.97
N ASN B 216 16.03 -0.53 3.14
CA ASN B 216 15.76 0.92 3.28
C ASN B 216 14.86 1.33 2.11
N ILE B 217 14.02 2.35 2.36
CA ILE B 217 12.91 2.73 1.45
C ILE B 217 13.51 3.14 0.10
N ASP B 218 14.68 3.78 0.08
CA ASP B 218 15.33 4.30 -1.16
C ASP B 218 16.29 3.26 -1.76
N SER B 219 16.15 1.99 -1.46
CA SER B 219 17.00 0.89 -2.02
C SER B 219 16.99 0.90 -3.56
N SER B 220 18.16 0.68 -4.18
CA SER B 220 18.27 0.56 -5.67
C SER B 220 19.23 -0.59 -6.01
N ILE B 221 19.14 -1.12 -7.22
CA ILE B 221 20.03 -2.24 -7.66
C ILE B 221 21.46 -1.71 -7.54
N PRO B 222 22.34 -2.32 -6.72
CA PRO B 222 23.71 -1.84 -6.63
C PRO B 222 24.41 -2.05 -7.99
N SER B 223 25.33 -1.13 -8.32
CA SER B 223 26.20 -1.19 -9.51
C SER B 223 26.87 -2.56 -9.63
N GLY B 224 26.72 -3.21 -10.79
CA GLY B 224 27.40 -4.48 -11.08
C GLY B 224 26.70 -5.69 -10.47
N SER B 225 25.53 -5.56 -9.83
CA SER B 225 24.96 -6.64 -8.97
C SER B 225 24.21 -7.70 -9.77
N THR B 226 24.63 -7.99 -11.00
CA THR B 226 24.18 -9.17 -11.78
C THR B 226 24.83 -10.42 -11.18
N GLY B 227 24.55 -11.60 -11.72
CA GLY B 227 25.17 -12.87 -11.29
C GLY B 227 24.89 -13.17 -9.83
N ARG B 228 25.95 -13.52 -9.11
CA ARG B 228 25.87 -14.15 -7.77
C ARG B 228 25.37 -13.17 -6.72
N LEU B 229 25.34 -11.86 -7.00
CA LEU B 229 24.92 -10.83 -6.03
C LEU B 229 23.39 -10.60 -6.05
N LEU B 230 22.67 -11.19 -6.99
CA LEU B 230 21.17 -11.33 -6.99
C LEU B 230 20.46 -9.99 -7.00
N GLY B 231 21.13 -8.93 -7.49
CA GLY B 231 20.59 -7.56 -7.50
C GLY B 231 20.48 -6.97 -6.10
N LEU B 232 21.12 -7.54 -5.08
CA LEU B 232 20.92 -7.13 -3.66
C LEU B 232 22.12 -6.39 -3.09
N PHE B 233 23.33 -6.86 -3.37
CA PHE B 233 24.56 -6.45 -2.64
C PHE B 233 25.60 -5.86 -3.58
N PRO B 234 26.38 -4.87 -3.11
CA PRO B 234 27.43 -4.27 -3.92
C PRO B 234 28.68 -5.16 -4.10
N ASP B 235 28.84 -6.17 -3.24
CA ASP B 235 30.02 -7.09 -3.27
C ASP B 235 29.65 -8.37 -2.52
N ALA B 236 30.57 -9.34 -2.46
CA ALA B 236 30.36 -10.70 -1.89
C ALA B 236 30.80 -10.76 -0.42
N ASN B 237 31.06 -9.64 0.25
CA ASN B 237 31.51 -9.62 1.67
C ASN B 237 30.39 -10.12 2.60
MN MN E . -22.39 20.19 1.07
CA CA F . -20.80 23.23 3.30
C1 MAN G . -17.02 31.66 5.43
C2 MAN G . -16.31 31.06 4.23
C3 MAN G . -17.04 29.82 3.79
C4 MAN G . -17.11 28.82 4.90
C5 MAN G . -17.64 29.42 6.19
C6 MAN G . -17.26 28.51 7.39
O2 MAN G . -14.95 30.77 4.56
O3 MAN G . -16.39 29.24 2.67
O4 MAN G . -17.93 27.73 4.50
O5 MAN G . -17.11 30.71 6.48
O6 MAN G . -15.92 28.44 7.66
MN MN H . 23.69 -18.56 -1.96
CA CA I . 24.72 -18.38 -5.92
C1 MAN J . 29.52 -15.94 -13.74
C2 MAN J . 29.35 -14.67 -12.91
C3 MAN J . 28.68 -15.03 -11.57
C4 MAN J . 27.39 -15.80 -11.75
C5 MAN J . 27.53 -16.96 -12.72
C6 MAN J . 26.15 -17.40 -13.23
O2 MAN J . 28.64 -13.70 -13.67
O3 MAN J . 28.41 -13.86 -10.81
O4 MAN J . 27.00 -16.27 -10.45
O5 MAN J . 28.30 -16.64 -13.90
O6 MAN J . 25.45 -16.41 -13.92
C1 SQ0 K . -18.97 32.85 6.06
C2 SQ0 K . -20.46 32.87 5.88
C3 SQ0 K . -22.09 31.52 4.74
C4 SQ0 K . -23.26 32.48 4.99
C5 SQ0 K . -23.76 32.44 7.38
O1 SQ0 K . -20.86 32.23 4.66
N1 SQ0 K . -24.04 32.05 6.15
C6 SQ0 K . -24.06 31.92 8.66
C7 SQ0 K . -23.39 33.07 9.31
C8 SQ0 K . -23.08 33.61 7.96
O2 SQ0 K . -22.50 34.60 7.51
O3 SQ0 K . -23.15 33.42 10.46
O4 SQ0 K . -27.41 23.67 11.35
C9 SQ0 K . -26.74 24.58 10.50
C10 SQ0 K . -26.49 25.88 11.20
C11 SQ0 K . -26.91 27.08 10.37
C12 SQ0 K . -25.77 27.86 9.75
C13 SQ0 K . -26.29 29.00 8.87
C14 SQ0 K . -25.22 29.84 8.22
N2 SQ0 K . -24.67 30.84 9.12
O6 SQ0 K . -18.31 32.07 5.05
C1 SQ0 L . 30.83 -17.93 -13.86
C2 SQ0 L . 30.92 -19.10 -12.93
C3 SQ0 L . 31.71 -19.73 -10.77
C4 SQ0 L . 32.59 -20.93 -11.08
C5 SQ0 L . 31.31 -22.89 -10.45
O1 SQ0 L . 31.79 -18.80 -11.84
N1 SQ0 L . 31.79 -22.11 -11.40
C6 SQ0 L . 30.59 -24.12 -10.44
C7 SQ0 L . 30.59 -24.14 -8.98
C8 SQ0 L . 31.35 -22.87 -8.99
O2 SQ0 L . 31.80 -22.11 -8.13
O3 SQ0 L . 30.14 -24.90 -8.12
O4 SQ0 L . 29.46 -26.65 -18.37
C9 SQ0 L . 28.52 -25.80 -17.73
C10 SQ0 L . 28.06 -26.38 -16.41
C11 SQ0 L . 28.98 -26.09 -15.25
C12 SQ0 L . 29.25 -24.60 -15.00
C13 SQ0 L . 30.10 -24.31 -13.77
C14 SQ0 L . 29.31 -24.40 -12.49
N2 SQ0 L . 30.06 -24.92 -11.36
O6 SQ0 L . 30.44 -16.78 -13.10
#